data_5H7Z
#
_entry.id   5H7Z
#
_cell.length_a   182.227
_cell.length_b   182.227
_cell.length_c   78.873
_cell.angle_alpha   90.00
_cell.angle_beta   90.00
_cell.angle_gamma   90.00
#
_symmetry.space_group_name_H-M   'I 41'
#
loop_
_entity.id
_entity.type
_entity.pdbx_description
1 polymer 'Uncharacterized protein'
2 non-polymer 'SULFATE ION'
#
_entity_poly.entity_id   1
_entity_poly.type   'polypeptide(L)'
_entity_poly.pdbx_seq_one_letter_code
;(MSE)GSSHHHHHHSSGLVPRGSH(MSE)SSSRSSS(MSE)DKTGWITHCFGRFLIDLPPDAVINAGYYLWGDRIEYLDD
KPTELAARVDRLEQEWRTQRHKSKGN(MSE)FLRKIDFGNESVGLLSWSSEVASKTYLLDTYVTSKPTWHVYRWKGKVSV
DREQHAVEISRALARNLRSRAPKEIPSEPGFCIDHAYIAGDSFQVERFGVGVTFPEHPGARFEFRSSTGAELNSLLERVD
GFVQN(MSE)LSTFAG(MSE)ETLRKGKHPVGSLPGEEYLVAGSDKGQRGYTF(MSE)WEVQGKEESLTEPNLTAGLAVL
ERSNENGKPPPPAFKSDKEALELWDTIVDSIRVRPTSSSPRGGNAGPSPAPKPATPGGQTLGDHYVYEEFLSSLKPKDSW
LDDL
;
_entity_poly.pdbx_strand_id   A,B
#
# COMPACT_ATOMS: atom_id res chain seq x y z
N SER A 28 21.46 -15.18 -20.98
CA SER A 28 20.51 -15.33 -19.88
C SER A 28 20.54 -16.76 -19.33
N ASP A 30 21.80 -19.34 -20.27
CA ASP A 30 23.14 -19.93 -20.32
C ASP A 30 24.04 -19.21 -19.33
N LYS A 31 24.00 -19.65 -18.07
CA LYS A 31 24.77 -19.01 -17.01
C LYS A 31 26.24 -19.43 -17.05
N THR A 32 26.88 -19.20 -18.20
CA THR A 32 28.30 -19.48 -18.36
C THR A 32 29.09 -18.20 -18.11
N GLY A 33 30.01 -18.27 -17.15
CA GLY A 33 30.81 -17.11 -16.79
C GLY A 33 30.07 -16.18 -15.85
N TRP A 34 28.84 -16.55 -15.49
CA TRP A 34 28.07 -15.78 -14.54
C TRP A 34 28.71 -15.87 -13.15
N ILE A 35 28.62 -14.79 -12.40
CA ILE A 35 29.28 -14.69 -11.10
C ILE A 35 28.24 -14.63 -9.99
N THR A 36 28.39 -15.52 -9.01
CA THR A 36 27.55 -15.49 -7.82
C THR A 36 28.09 -14.46 -6.84
N HIS A 37 27.21 -13.56 -6.38
CA HIS A 37 27.62 -12.44 -5.55
C HIS A 37 27.08 -12.53 -4.14
N CYS A 38 27.67 -11.75 -3.23
CA CYS A 38 27.27 -11.72 -1.82
C CYS A 38 26.70 -10.37 -1.44
N PHE A 39 25.50 -10.38 -0.88
CA PHE A 39 24.86 -9.16 -0.36
C PHE A 39 24.07 -9.50 0.88
N GLY A 40 24.54 -9.01 2.03
CA GLY A 40 23.90 -9.30 3.30
C GLY A 40 23.79 -10.78 3.56
N ARG A 41 22.56 -11.25 3.73
CA ARG A 41 22.28 -12.63 4.09
C ARG A 41 22.08 -13.52 2.87
N PHE A 42 22.11 -12.92 1.68
CA PHE A 42 21.70 -13.62 0.47
C PHE A 42 22.77 -13.71 -0.60
N LEU A 43 22.55 -14.62 -1.56
CA LEU A 43 23.41 -14.78 -2.72
C LEU A 43 22.60 -14.52 -3.98
N ILE A 44 23.29 -14.21 -5.07
CA ILE A 44 22.63 -13.93 -6.32
C ILE A 44 23.61 -14.02 -7.47
N ASP A 45 23.20 -14.66 -8.56
CA ASP A 45 24.03 -14.81 -9.76
C ASP A 45 23.77 -13.66 -10.72
N LEU A 46 24.82 -13.23 -11.40
CA LEU A 46 24.73 -12.14 -12.37
C LEU A 46 25.71 -12.36 -13.52
N PRO A 47 25.37 -11.88 -14.72
CA PRO A 47 26.29 -12.00 -15.84
C PRO A 47 27.59 -11.23 -15.58
N PRO A 48 28.73 -11.72 -16.12
CA PRO A 48 30.03 -11.13 -15.82
C PRO A 48 30.17 -9.69 -16.31
N ASP A 49 29.39 -9.30 -17.30
CA ASP A 49 29.44 -7.96 -17.85
C ASP A 49 28.84 -6.93 -16.89
N ALA A 50 28.03 -7.41 -15.96
CA ALA A 50 27.23 -6.54 -15.08
C ALA A 50 28.07 -5.53 -14.32
N VAL A 51 27.59 -4.28 -14.29
CA VAL A 51 28.19 -3.22 -13.50
C VAL A 51 27.43 -3.11 -12.19
N ILE A 52 28.10 -3.43 -11.08
CA ILE A 52 27.44 -3.53 -9.78
C ILE A 52 27.84 -2.37 -8.86
N ASN A 53 26.85 -1.87 -8.11
CA ASN A 53 27.08 -0.82 -7.12
C ASN A 53 26.14 -0.99 -5.93
N ALA A 54 26.71 -1.19 -4.75
CA ALA A 54 25.94 -1.60 -3.57
C ALA A 54 26.03 -0.59 -2.42
N GLY A 55 24.97 -0.54 -1.63
CA GLY A 55 24.92 0.28 -0.43
C GLY A 55 24.42 -0.55 0.75
N TYR A 56 25.05 -0.38 1.90
CA TYR A 56 24.72 -1.19 3.07
C TYR A 56 24.40 -0.31 4.28
N TYR A 57 23.39 -0.70 5.04
CA TYR A 57 22.90 0.08 6.16
C TYR A 57 22.70 -0.77 7.41
N LEU A 58 23.09 -0.22 8.55
CA LEU A 58 23.03 -0.95 9.82
C LEU A 58 22.44 -0.04 10.91
N TRP A 59 21.39 -0.52 11.55
CA TRP A 59 20.66 0.27 12.57
C TRP A 59 20.23 1.63 12.01
N GLY A 60 19.85 1.63 10.74
CA GLY A 60 19.36 2.82 10.08
C GLY A 60 20.47 3.59 9.39
N ASP A 61 21.66 3.56 9.98
CA ASP A 61 22.78 4.36 9.50
C ASP A 61 23.63 3.60 8.50
N ARG A 62 24.10 4.30 7.48
CA ARG A 62 24.90 3.69 6.42
C ARG A 62 26.28 3.28 6.91
N ILE A 63 26.64 2.03 6.64
CA ILE A 63 28.00 1.56 6.83
C ILE A 63 28.72 1.70 5.49
N GLU A 64 29.88 2.35 5.52
CA GLU A 64 30.51 2.87 4.32
C GLU A 64 31.99 2.50 4.25
N TYR A 65 32.39 1.89 3.14
CA TYR A 65 33.78 1.48 2.96
C TYR A 65 34.66 2.68 2.66
N LEU A 66 35.85 2.69 3.26
CA LEU A 66 36.88 3.69 2.96
C LEU A 66 38.15 2.99 2.51
N ASP A 67 38.78 3.51 1.45
CA ASP A 67 40.05 2.97 0.97
C ASP A 67 41.19 3.73 1.64
N ASP A 68 41.20 3.71 2.96
CA ASP A 68 42.26 4.32 3.77
C ASP A 68 43.19 3.25 4.31
N LYS A 69 44.50 3.43 4.10
CA LYS A 69 45.49 2.63 4.80
C LYS A 69 45.59 3.21 6.21
N PRO A 70 46.08 2.42 7.17
CA PRO A 70 45.98 2.78 8.60
C PRO A 70 46.44 4.20 8.94
N THR A 71 47.49 4.69 8.28
CA THR A 71 48.01 6.02 8.54
C THR A 71 47.03 7.09 8.05
N GLU A 72 46.38 6.82 6.92
CA GLU A 72 45.43 7.76 6.34
C GLU A 72 44.22 7.96 7.26
N LEU A 73 43.77 6.89 7.89
CA LEU A 73 42.62 6.98 8.79
C LEU A 73 43.01 7.79 10.03
N ALA A 74 44.22 7.56 10.53
CA ALA A 74 44.72 8.30 11.68
C ALA A 74 44.72 9.79 11.38
N ALA A 75 45.06 10.14 10.15
CA ALA A 75 45.05 11.52 9.72
C ALA A 75 43.63 12.06 9.73
N ARG A 76 42.69 11.29 9.19
CA ARG A 76 41.30 11.70 9.11
C ARG A 76 40.72 11.99 10.49
N VAL A 77 40.92 11.06 11.42
CA VAL A 77 40.37 11.18 12.76
C VAL A 77 40.97 12.37 13.50
N ASP A 78 42.27 12.58 13.36
CA ASP A 78 42.94 13.71 13.98
C ASP A 78 42.42 15.01 13.39
N ARG A 79 42.30 15.04 12.06
CA ARG A 79 41.85 16.23 11.35
C ARG A 79 40.42 16.57 11.75
N LEU A 80 39.59 15.55 11.89
CA LEU A 80 38.16 15.74 12.16
C LEU A 80 37.92 16.08 13.63
N GLU A 81 38.78 15.58 14.52
CA GLU A 81 38.67 15.86 15.93
C GLU A 81 38.94 17.35 16.20
N GLN A 82 39.99 17.88 15.58
CA GLN A 82 40.34 19.28 15.75
C GLN A 82 39.30 20.20 15.12
N GLU A 83 38.59 19.71 14.11
CA GLU A 83 37.53 20.49 13.48
C GLU A 83 36.36 20.65 14.43
N TRP A 84 35.97 19.57 15.09
CA TRP A 84 34.87 19.62 16.04
C TRP A 84 35.18 20.56 17.20
N ARG A 85 36.47 20.77 17.46
CA ARG A 85 36.90 21.62 18.56
C ARG A 85 36.87 23.10 18.19
N THR A 86 37.22 23.41 16.95
CA THR A 86 37.23 24.78 16.47
C THR A 86 35.86 25.18 15.91
N GLN A 87 34.81 24.55 16.42
CA GLN A 87 33.45 24.81 15.96
C GLN A 87 32.53 25.06 17.16
N ARG A 88 31.91 26.24 17.17
CA ARG A 88 31.14 26.69 18.33
C ARG A 88 29.84 25.93 18.54
N HIS A 89 29.64 25.50 19.77
CA HIS A 89 28.40 24.85 20.20
C HIS A 89 27.66 25.76 21.18
N LYS A 90 26.41 26.08 20.85
CA LYS A 90 25.62 27.05 21.62
C LYS A 90 26.38 28.39 21.71
N SER A 91 26.70 28.83 22.91
CA SER A 91 27.29 30.16 23.11
C SER A 91 28.81 30.12 23.22
N LYS A 92 29.30 29.37 24.22
CA LYS A 92 30.71 29.46 24.62
C LYS A 92 31.32 28.09 24.92
N GLY A 93 31.00 27.10 24.10
CA GLY A 93 31.61 25.77 24.18
C GLY A 93 31.78 25.17 22.81
N ASN A 94 32.75 24.27 22.66
CA ASN A 94 32.99 23.62 21.38
C ASN A 94 32.07 22.41 21.21
N PHE A 96 33.13 19.17 20.25
CA PHE A 96 33.75 17.88 20.53
C PHE A 96 33.51 17.48 21.99
N LEU A 97 33.35 16.18 22.21
CA LEU A 97 33.10 15.64 23.55
C LEU A 97 34.10 14.57 23.95
N ARG A 98 34.19 13.51 23.15
CA ARG A 98 35.08 12.40 23.46
C ARG A 98 35.67 11.78 22.21
N LYS A 99 36.79 11.07 22.39
CA LYS A 99 37.32 10.16 21.39
C LYS A 99 37.36 8.77 22.01
N ILE A 100 36.40 7.94 21.60
CA ILE A 100 36.20 6.63 22.23
C ILE A 100 37.04 5.56 21.53
N ASP A 101 37.51 4.60 22.32
CA ASP A 101 38.34 3.51 21.82
C ASP A 101 37.59 2.19 21.95
N PHE A 102 37.13 1.66 20.81
CA PHE A 102 36.36 0.42 20.81
C PHE A 102 37.26 -0.82 20.81
N GLY A 103 38.56 -0.59 20.76
CA GLY A 103 39.51 -1.70 20.67
C GLY A 103 39.38 -2.38 19.33
N ASN A 104 40.08 -3.49 19.16
CA ASN A 104 40.14 -4.18 17.87
C ASN A 104 40.52 -3.21 16.76
N GLU A 105 41.41 -2.27 17.10
CA GLU A 105 41.98 -1.32 16.13
C GLU A 105 40.95 -0.32 15.60
N SER A 106 39.81 -0.22 16.28
CA SER A 106 38.73 0.69 15.88
C SER A 106 38.59 1.86 16.86
N VAL A 107 37.95 2.94 16.40
CA VAL A 107 37.82 4.16 17.19
C VAL A 107 36.47 4.84 16.92
N GLY A 108 36.07 5.72 17.83
CA GLY A 108 34.86 6.51 17.67
C GLY A 108 35.02 7.96 18.12
N LEU A 109 34.28 8.86 17.49
CA LEU A 109 34.29 10.27 17.86
C LEU A 109 32.89 10.73 18.26
N LEU A 110 32.73 11.13 19.52
CA LEU A 110 31.47 11.65 20.01
C LEU A 110 31.45 13.18 19.93
N SER A 111 30.35 13.72 19.41
CA SER A 111 30.18 15.15 19.27
C SER A 111 28.71 15.49 19.52
N TRP A 112 28.42 16.77 19.74
CA TRP A 112 27.03 17.20 19.85
C TRP A 112 26.35 17.02 18.50
N SER A 113 25.07 16.70 18.52
CA SER A 113 24.32 16.46 17.31
C SER A 113 24.33 17.66 16.37
N SER A 114 24.50 18.86 16.93
CA SER A 114 24.51 20.09 16.13
C SER A 114 25.00 21.29 16.93
N GLU A 115 24.84 22.48 16.36
CA GLU A 115 25.22 23.73 17.02
C GLU A 115 24.32 24.01 18.22
N VAL A 116 23.14 23.41 18.22
CA VAL A 116 22.24 23.46 19.36
C VAL A 116 22.28 22.08 20.03
N ALA A 117 22.56 22.07 21.33
CA ALA A 117 22.80 20.82 22.05
C ALA A 117 21.70 19.81 21.85
N SER A 118 20.46 20.26 22.09
CA SER A 118 19.36 19.34 22.23
C SER A 118 19.78 18.41 23.38
N LYS A 119 19.61 17.13 23.17
CA LYS A 119 20.02 16.13 24.12
C LYS A 119 20.50 14.93 23.35
N THR A 120 21.20 15.21 22.28
CA THR A 120 21.60 14.21 21.30
C THR A 120 23.02 14.45 20.81
N TYR A 121 23.73 13.35 20.56
CA TYR A 121 25.11 13.37 20.08
C TYR A 121 25.17 12.91 18.64
N LEU A 122 26.38 12.94 18.09
CA LEU A 122 26.69 12.29 16.82
C LEU A 122 27.88 11.36 17.04
N LEU A 123 27.62 10.06 16.99
CA LEU A 123 28.67 9.08 17.23
C LEU A 123 29.26 8.57 15.91
N ASP A 124 30.42 9.11 15.55
CA ASP A 124 31.11 8.73 14.32
C ASP A 124 32.03 7.53 14.57
N THR A 125 31.58 6.35 14.16
CA THR A 125 32.32 5.12 14.39
C THR A 125 33.21 4.77 13.21
N TYR A 126 34.41 4.28 13.51
CA TYR A 126 35.33 3.81 12.48
C TYR A 126 35.81 2.40 12.82
N VAL A 127 35.10 1.40 12.29
CA VAL A 127 35.42 0.01 12.56
C VAL A 127 36.35 -0.56 11.51
N THR A 128 37.18 -1.52 11.92
CA THR A 128 38.15 -2.14 11.03
C THR A 128 37.91 -3.64 10.88
N SER A 129 38.21 -4.17 9.71
CA SER A 129 38.05 -5.59 9.44
C SER A 129 39.27 -6.37 9.89
N LYS A 130 39.10 -7.68 10.05
CA LYS A 130 40.16 -8.57 10.50
C LYS A 130 39.94 -9.93 9.84
N PRO A 131 41.02 -10.61 9.42
CA PRO A 131 42.46 -10.31 9.58
C PRO A 131 42.98 -9.29 8.57
N THR A 132 42.33 -9.18 7.42
CA THR A 132 42.74 -8.23 6.39
C THR A 132 42.18 -6.86 6.70
N TRP A 133 43.02 -5.84 6.56
CA TRP A 133 42.67 -4.48 6.95
C TRP A 133 41.75 -3.78 5.96
N HIS A 134 40.60 -3.35 6.47
CA HIS A 134 39.74 -2.38 5.81
C HIS A 134 39.14 -1.53 6.91
N VAL A 135 38.74 -0.31 6.59
CA VAL A 135 38.06 0.53 7.57
C VAL A 135 36.73 1.01 7.02
N TYR A 136 35.73 1.03 7.89
CA TYR A 136 34.39 1.44 7.51
C TYR A 136 33.88 2.55 8.43
N ARG A 137 33.27 3.56 7.83
CA ARG A 137 32.66 4.63 8.62
C ARG A 137 31.18 4.33 8.81
N TRP A 138 30.76 4.34 10.06
CA TRP A 138 29.37 4.09 10.42
C TRP A 138 28.96 5.16 11.43
N LYS A 139 28.17 6.12 10.96
CA LYS A 139 27.89 7.35 11.70
C LYS A 139 26.39 7.53 11.90
N GLY A 140 26.00 8.02 13.06
CA GLY A 140 24.60 8.24 13.36
C GLY A 140 24.39 9.01 14.64
N LYS A 141 23.19 9.59 14.77
CA LYS A 141 22.84 10.38 15.94
C LYS A 141 22.36 9.47 17.08
N VAL A 142 22.53 9.93 18.31
CA VAL A 142 22.13 9.17 19.49
C VAL A 142 21.86 10.12 20.64
N SER A 143 20.90 9.76 21.49
CA SER A 143 20.55 10.59 22.64
C SER A 143 21.55 10.41 23.77
N VAL A 144 21.58 11.37 24.70
CA VAL A 144 22.48 11.29 25.86
C VAL A 144 22.24 10.02 26.65
N ASP A 145 20.98 9.59 26.72
CA ASP A 145 20.59 8.47 27.56
C ASP A 145 20.78 7.12 26.87
N ARG A 146 21.37 7.12 25.68
CA ARG A 146 21.61 5.88 24.94
C ARG A 146 23.02 5.83 24.34
N GLU A 147 23.84 6.82 24.68
CA GLU A 147 25.20 6.90 24.17
C GLU A 147 25.99 5.65 24.54
N GLN A 148 25.89 5.23 25.80
CA GLN A 148 26.68 4.09 26.27
C GLN A 148 26.24 2.81 25.58
N HIS A 149 24.95 2.69 25.31
CA HIS A 149 24.43 1.54 24.59
C HIS A 149 25.00 1.51 23.18
N ALA A 150 24.95 2.66 22.51
CA ALA A 150 25.45 2.80 21.15
C ALA A 150 26.93 2.45 21.07
N VAL A 151 27.68 2.84 22.11
CA VAL A 151 29.09 2.51 22.21
C VAL A 151 29.27 1.01 22.30
N GLU A 152 28.45 0.35 23.11
CA GLU A 152 28.52 -1.09 23.30
C GLU A 152 28.23 -1.83 22.00
N ILE A 153 27.42 -1.24 21.13
CA ILE A 153 27.13 -1.81 19.81
C ILE A 153 28.38 -1.72 18.94
N SER A 154 28.96 -0.52 18.85
CA SER A 154 30.17 -0.31 18.07
C SER A 154 31.31 -1.15 18.60
N ARG A 155 31.33 -1.36 19.92
CA ARG A 155 32.35 -2.18 20.56
C ARG A 155 32.30 -3.61 20.00
N ALA A 156 31.09 -4.07 19.72
CA ALA A 156 30.87 -5.44 19.24
C ALA A 156 31.02 -5.51 17.72
N LEU A 157 30.50 -4.51 17.03
CA LEU A 157 30.63 -4.43 15.58
C LEU A 157 32.11 -4.47 15.20
N ALA A 158 32.95 -3.93 16.08
CA ALA A 158 34.38 -3.92 15.86
C ALA A 158 34.98 -5.32 15.88
N ARG A 159 34.50 -6.17 16.78
CA ARG A 159 35.04 -7.52 16.94
C ARG A 159 34.26 -8.58 16.17
N ASN A 160 33.22 -8.16 15.46
CA ASN A 160 32.45 -9.06 14.62
C ASN A 160 32.71 -8.81 13.15
N LEU A 161 33.20 -7.62 12.82
CA LEU A 161 33.47 -7.26 11.43
C LEU A 161 34.72 -7.97 10.93
N ARG A 162 34.51 -8.95 10.07
CA ARG A 162 35.61 -9.74 9.51
C ARG A 162 35.67 -9.60 7.98
N SER A 163 36.88 -9.58 7.45
CA SER A 163 37.08 -9.41 6.02
C SER A 163 36.80 -10.71 5.27
N ARG A 164 36.40 -10.58 4.01
CA ARG A 164 36.22 -11.75 3.15
C ARG A 164 36.99 -11.55 1.86
N ALA A 165 37.65 -12.62 1.41
CA ALA A 165 38.52 -12.57 0.24
C ALA A 165 37.71 -12.20 -1.01
N PRO A 166 38.39 -11.73 -2.07
CA PRO A 166 37.74 -11.20 -3.27
C PRO A 166 36.62 -12.08 -3.85
N LYS A 167 36.86 -13.38 -3.93
CA LYS A 167 35.89 -14.31 -4.51
C LYS A 167 35.31 -15.26 -3.46
N GLU A 168 35.66 -15.03 -2.20
CA GLU A 168 35.22 -15.88 -1.10
C GLU A 168 33.73 -15.72 -0.83
N ILE A 169 33.07 -16.84 -0.58
CA ILE A 169 31.67 -16.86 -0.15
C ILE A 169 31.64 -17.44 1.27
N PRO A 170 31.69 -16.58 2.29
CA PRO A 170 31.86 -17.08 3.67
C PRO A 170 30.82 -18.11 4.11
N SER A 171 31.30 -19.15 4.78
CA SER A 171 30.44 -20.22 5.28
C SER A 171 29.90 -19.89 6.66
N GLU A 172 30.40 -18.82 7.25
CA GLU A 172 30.01 -18.42 8.60
C GLU A 172 28.76 -17.53 8.57
N PRO A 173 27.92 -17.61 9.62
CA PRO A 173 26.77 -16.69 9.67
C PRO A 173 27.19 -15.24 9.71
N GLY A 174 26.59 -14.39 8.89
CA GLY A 174 26.90 -12.98 8.91
C GLY A 174 26.31 -12.17 7.78
N PHE A 175 26.21 -10.86 8.01
CA PHE A 175 25.70 -9.91 7.03
C PHE A 175 26.87 -9.40 6.18
N CYS A 176 26.87 -9.79 4.91
CA CYS A 176 27.95 -9.40 4.01
C CYS A 176 27.84 -7.95 3.58
N ILE A 177 28.98 -7.28 3.54
CA ILE A 177 29.08 -5.92 3.03
C ILE A 177 30.27 -5.82 2.09
N ASP A 178 30.65 -4.60 1.74
CA ASP A 178 31.75 -4.37 0.80
C ASP A 178 33.08 -4.88 1.37
N HIS A 179 33.61 -5.93 0.74
CA HIS A 179 34.92 -6.49 1.09
C HIS A 179 34.99 -7.09 2.49
N ALA A 180 33.83 -7.34 3.10
CA ALA A 180 33.80 -7.90 4.44
C ALA A 180 32.40 -8.38 4.79
N TYR A 181 32.24 -8.84 6.03
CA TYR A 181 30.91 -9.20 6.53
C TYR A 181 30.86 -9.07 8.05
N ILE A 182 29.65 -8.80 8.55
CA ILE A 182 29.41 -8.70 9.98
C ILE A 182 28.96 -10.07 10.48
N ALA A 183 29.82 -10.74 11.23
CA ALA A 183 29.57 -12.11 11.65
C ALA A 183 28.53 -12.18 12.77
N GLY A 184 27.64 -13.16 12.69
CA GLY A 184 26.64 -13.39 13.71
C GLY A 184 25.28 -13.71 13.11
N ASP A 185 24.45 -14.41 13.89
CA ASP A 185 23.07 -14.68 13.50
C ASP A 185 22.09 -14.09 14.52
N SER A 186 22.62 -13.31 15.46
CA SER A 186 21.78 -12.58 16.40
C SER A 186 21.03 -11.50 15.63
N PHE A 187 19.82 -11.18 16.06
CA PHE A 187 19.02 -10.22 15.30
C PHE A 187 19.66 -8.84 15.30
N GLN A 188 19.33 -8.08 14.25
CA GLN A 188 19.96 -6.82 13.97
C GLN A 188 19.16 -6.27 12.81
N VAL A 189 18.76 -5.01 12.85
CA VAL A 189 18.14 -4.42 11.67
C VAL A 189 19.24 -4.14 10.66
N GLU A 190 19.06 -4.67 9.46
CA GLU A 190 20.04 -4.58 8.42
C GLU A 190 19.37 -4.41 7.07
N ARG A 191 20.05 -3.82 6.13
CA ARG A 191 19.44 -3.47 4.85
C ARG A 191 20.52 -3.15 3.83
N PHE A 192 20.31 -3.56 2.59
CA PHE A 192 21.19 -3.18 1.50
C PHE A 192 20.40 -2.89 0.23
N GLY A 193 21.08 -2.31 -0.75
CA GLY A 193 20.47 -2.00 -2.04
C GLY A 193 21.53 -2.03 -3.12
N VAL A 194 21.36 -2.92 -4.09
CA VAL A 194 22.33 -3.10 -5.16
C VAL A 194 21.72 -2.62 -6.48
N GLY A 195 22.41 -1.68 -7.13
CA GLY A 195 22.02 -1.21 -8.45
C GLY A 195 22.89 -1.87 -9.49
N VAL A 196 22.27 -2.43 -10.52
CA VAL A 196 23.01 -3.18 -11.53
C VAL A 196 22.56 -2.80 -12.94
N THR A 197 23.54 -2.53 -13.80
CA THR A 197 23.29 -2.27 -15.21
C THR A 197 24.08 -3.26 -16.06
N PHE A 198 23.61 -3.48 -17.28
CA PHE A 198 24.23 -4.45 -18.19
C PHE A 198 24.67 -3.74 -19.47
N PRO A 199 25.94 -3.92 -19.87
CA PRO A 199 26.40 -3.26 -21.10
C PRO A 199 25.69 -3.80 -22.34
N GLU A 200 25.49 -5.12 -22.39
CA GLU A 200 24.82 -5.76 -23.51
C GLU A 200 23.40 -5.23 -23.69
N HIS A 201 22.77 -4.90 -22.57
CA HIS A 201 21.37 -4.48 -22.57
C HIS A 201 21.24 -3.05 -22.04
N PRO A 202 21.68 -2.06 -22.83
CA PRO A 202 21.69 -0.67 -22.40
C PRO A 202 20.29 -0.11 -22.16
N GLY A 203 20.17 0.82 -21.22
CA GLY A 203 18.89 1.40 -20.86
C GLY A 203 18.20 0.61 -19.76
N ALA A 204 18.61 -0.65 -19.59
CA ALA A 204 18.01 -1.52 -18.58
C ALA A 204 18.72 -1.39 -17.24
N ARG A 205 17.93 -1.34 -16.17
CA ARG A 205 18.45 -1.21 -14.82
C ARG A 205 17.79 -2.22 -13.88
N PHE A 206 18.61 -3.05 -13.26
CA PHE A 206 18.14 -4.01 -12.27
C PHE A 206 18.53 -3.56 -10.88
N GLU A 207 17.67 -3.79 -9.90
CA GLU A 207 17.95 -3.45 -8.51
C GLU A 207 17.48 -4.55 -7.56
N PHE A 208 18.35 -4.88 -6.59
CA PHE A 208 18.10 -5.94 -5.62
C PHE A 208 18.29 -5.41 -4.21
N ARG A 209 17.21 -5.39 -3.42
CA ARG A 209 17.24 -4.80 -2.08
C ARG A 209 16.74 -5.76 -1.01
N SER A 210 17.38 -5.71 0.16
CA SER A 210 16.96 -6.45 1.34
C SER A 210 16.73 -5.47 2.48
N SER A 211 15.82 -5.82 3.38
CA SER A 211 15.53 -4.97 4.53
C SER A 211 14.71 -5.70 5.58
N THR A 212 15.22 -5.72 6.81
CA THR A 212 14.52 -6.33 7.93
C THR A 212 13.18 -5.64 8.16
N GLY A 213 12.32 -6.30 8.92
CA GLY A 213 10.97 -5.83 9.12
C GLY A 213 10.08 -6.30 8.00
N ALA A 214 8.82 -6.59 8.31
CA ALA A 214 7.89 -7.13 7.33
C ALA A 214 6.95 -6.03 6.84
N GLU A 215 6.68 -6.05 5.53
CA GLU A 215 5.72 -5.12 4.94
C GLU A 215 4.32 -5.61 5.29
N LEU A 216 3.40 -4.68 5.49
CA LEU A 216 2.07 -5.02 5.98
C LEU A 216 1.22 -5.74 4.93
N ASN A 217 1.51 -5.49 3.66
CA ASN A 217 0.82 -6.16 2.56
C ASN A 217 1.81 -6.89 1.67
N SER A 218 1.34 -7.90 0.95
CA SER A 218 2.13 -8.53 -0.08
C SER A 218 2.19 -7.57 -1.26
N LEU A 219 2.96 -7.93 -2.29
CA LEU A 219 3.07 -7.09 -3.46
C LEU A 219 1.70 -6.87 -4.10
N LEU A 220 1.02 -7.97 -4.42
CA LEU A 220 -0.27 -7.91 -5.10
C LEU A 220 -1.36 -7.29 -4.23
N GLU A 221 -1.39 -7.63 -2.95
CA GLU A 221 -2.37 -7.05 -2.03
C GLU A 221 -2.28 -5.54 -1.99
N ARG A 222 -1.10 -5.01 -2.33
CA ARG A 222 -0.81 -3.59 -2.18
C ARG A 222 -0.99 -2.82 -3.48
N VAL A 223 -0.38 -3.32 -4.55
CA VAL A 223 -0.25 -2.56 -5.79
C VAL A 223 -1.32 -2.90 -6.84
N ASP A 224 -1.86 -4.10 -6.76
CA ASP A 224 -2.71 -4.67 -7.81
C ASP A 224 -3.85 -3.76 -8.27
N GLY A 225 -4.63 -3.23 -7.32
CA GLY A 225 -5.79 -2.43 -7.64
C GLY A 225 -5.48 -1.25 -8.53
N PHE A 226 -4.37 -0.57 -8.24
CA PHE A 226 -4.01 0.65 -8.96
C PHE A 226 -3.44 0.34 -10.35
N VAL A 227 -2.76 -0.78 -10.49
CA VAL A 227 -2.19 -1.19 -11.77
C VAL A 227 -3.31 -1.47 -12.79
N GLN A 228 -4.36 -2.16 -12.34
CA GLN A 228 -5.50 -2.44 -13.21
C GLN A 228 -6.22 -1.16 -13.61
N ASN A 229 -6.23 -0.18 -12.72
CA ASN A 229 -6.88 1.10 -13.01
C ASN A 229 -6.07 1.98 -13.96
N LEU A 231 -3.90 0.42 -16.31
CA LEU A 231 -3.89 -0.37 -17.54
C LEU A 231 -5.21 -0.21 -18.28
N SER A 232 -6.30 -0.10 -17.53
CA SER A 232 -7.62 0.04 -18.12
C SER A 232 -7.82 1.46 -18.63
N THR A 233 -7.14 2.41 -18.00
CA THR A 233 -7.26 3.81 -18.39
C THR A 233 -6.36 4.15 -19.56
N PHE A 234 -5.06 3.88 -19.41
CA PHE A 234 -4.06 4.31 -20.39
C PHE A 234 -3.66 3.19 -21.35
N ALA A 235 -3.39 3.56 -22.59
CA ALA A 235 -3.12 2.60 -23.65
C ALA A 235 -1.63 2.28 -23.77
N GLY A 236 -1.33 1.19 -24.46
CA GLY A 236 0.03 0.86 -24.83
C GLY A 236 0.78 0.04 -23.80
N GLU A 238 0.56 -3.95 -21.28
CA GLU A 238 -0.07 -5.23 -20.97
C GLU A 238 0.64 -5.91 -19.80
N THR A 239 -0.12 -6.62 -18.98
CA THR A 239 0.45 -7.36 -17.86
C THR A 239 1.02 -8.70 -18.35
N LEU A 240 2.32 -8.71 -18.62
CA LEU A 240 3.01 -9.91 -19.09
C LEU A 240 2.82 -11.09 -18.13
N ARG A 241 3.11 -10.85 -16.86
CA ARG A 241 2.93 -11.86 -15.83
C ARG A 241 2.41 -11.26 -14.53
N LYS A 242 1.93 -12.13 -13.65
CA LYS A 242 1.38 -11.73 -12.37
C LYS A 242 1.17 -12.98 -11.53
N GLY A 243 1.23 -12.80 -10.21
CA GLY A 243 0.99 -13.90 -9.29
C GLY A 243 2.26 -14.46 -8.68
N LYS A 244 2.13 -15.64 -8.08
CA LYS A 244 3.20 -16.25 -7.30
C LYS A 244 4.44 -16.53 -8.16
N HIS A 245 5.61 -16.42 -7.54
CA HIS A 245 6.86 -16.83 -8.14
C HIS A 245 7.79 -17.26 -7.02
N PRO A 246 7.51 -18.42 -6.39
CA PRO A 246 8.40 -18.85 -5.32
C PRO A 246 9.78 -19.24 -5.84
N VAL A 247 10.81 -18.85 -5.10
CA VAL A 247 12.18 -19.26 -5.39
C VAL A 247 12.73 -19.99 -4.19
N GLY A 248 12.85 -21.31 -4.31
CA GLY A 248 13.26 -22.14 -3.19
C GLY A 248 12.31 -21.93 -2.03
N SER A 249 12.86 -21.63 -0.86
CA SER A 249 12.06 -21.46 0.35
C SER A 249 11.47 -20.06 0.47
N LEU A 250 11.66 -19.23 -0.55
CA LEU A 250 11.24 -17.83 -0.50
C LEU A 250 9.90 -17.60 -1.21
N PRO A 251 8.87 -17.15 -0.47
CA PRO A 251 7.54 -16.93 -1.06
C PRO A 251 7.43 -15.58 -1.76
N GLY A 252 7.87 -15.52 -3.02
CA GLY A 252 7.89 -14.28 -3.76
C GLY A 252 6.79 -14.14 -4.79
N GLU A 253 5.96 -13.12 -4.64
CA GLU A 253 4.99 -12.76 -5.67
C GLU A 253 5.69 -11.83 -6.66
N GLU A 254 5.16 -11.68 -7.88
CA GLU A 254 5.76 -10.84 -8.90
C GLU A 254 4.78 -10.09 -9.74
N TYR A 255 5.20 -9.01 -10.37
CA TYR A 255 4.35 -8.31 -11.28
C TYR A 255 5.19 -7.82 -12.43
N LEU A 256 4.82 -8.14 -13.64
CA LEU A 256 5.55 -7.65 -14.78
C LEU A 256 4.68 -6.96 -15.77
N VAL A 257 5.08 -5.76 -16.13
CA VAL A 257 4.37 -4.93 -17.09
C VAL A 257 5.30 -4.54 -18.23
N ALA A 258 4.75 -4.48 -19.43
CA ALA A 258 5.49 -4.02 -20.60
C ALA A 258 4.58 -3.15 -21.44
N GLY A 259 5.17 -2.37 -22.35
CA GLY A 259 4.40 -1.47 -23.17
C GLY A 259 5.25 -0.78 -24.23
N SER A 260 4.60 -0.36 -25.31
CA SER A 260 5.29 0.30 -26.41
C SER A 260 4.84 1.75 -26.58
N ASP A 261 5.82 2.62 -26.84
CA ASP A 261 5.58 4.03 -27.07
C ASP A 261 6.87 4.61 -27.62
N LYS A 262 6.77 5.66 -28.44
CA LYS A 262 7.94 6.28 -29.07
C LYS A 262 8.73 5.26 -29.90
N GLY A 263 8.08 4.17 -30.27
CA GLY A 263 8.78 3.07 -30.93
C GLY A 263 9.77 2.40 -30.00
N GLN A 264 9.64 2.68 -28.71
CA GLN A 264 10.50 2.10 -27.69
C GLN A 264 9.70 1.15 -26.80
N ARG A 265 10.30 0.03 -26.45
CA ARG A 265 9.64 -0.97 -25.61
C ARG A 265 10.03 -0.79 -24.14
N GLY A 266 9.06 -0.40 -23.32
CA GLY A 266 9.29 -0.17 -21.91
C GLY A 266 8.98 -1.40 -21.06
N TYR A 267 9.71 -1.55 -19.96
CA TYR A 267 9.50 -2.67 -19.04
C TYR A 267 9.50 -2.18 -17.59
N THR A 268 8.68 -2.83 -16.76
CA THR A 268 8.69 -2.57 -15.32
C THR A 268 8.37 -3.85 -14.57
N PHE A 269 9.41 -4.54 -14.12
CA PHE A 269 9.26 -5.81 -13.40
C PHE A 269 9.48 -5.63 -11.91
N TRP A 271 9.71 -8.35 -8.16
CA TRP A 271 9.53 -9.58 -7.42
C TRP A 271 9.68 -9.21 -5.96
N GLU A 272 8.90 -9.82 -5.07
CA GLU A 272 8.92 -9.40 -3.68
C GLU A 272 8.48 -10.45 -2.66
N VAL A 273 9.38 -10.75 -1.73
CA VAL A 273 9.04 -11.46 -0.51
C VAL A 273 8.74 -10.39 0.54
N GLN A 274 7.57 -10.46 1.16
CA GLN A 274 7.17 -9.41 2.11
C GLN A 274 7.87 -9.56 3.46
N GLY A 275 8.36 -10.76 3.74
CA GLY A 275 9.24 -10.98 4.89
C GLY A 275 8.53 -11.11 6.22
N LYS A 276 9.29 -11.57 7.22
CA LYS A 276 8.78 -11.75 8.58
C LYS A 276 9.41 -10.74 9.55
N GLU A 277 8.66 -10.37 10.58
CA GLU A 277 9.16 -9.47 11.61
C GLU A 277 10.27 -10.13 12.44
N GLU A 278 11.29 -9.33 12.78
CA GLU A 278 12.46 -9.82 13.49
C GLU A 278 13.02 -11.09 12.86
N SER A 279 13.42 -10.99 11.59
CA SER A 279 13.97 -12.14 10.87
C SER A 279 15.05 -11.68 9.90
N LEU A 280 16.23 -12.27 10.02
CA LEU A 280 17.36 -11.97 9.16
C LEU A 280 17.27 -12.75 7.85
N THR A 281 16.75 -13.97 7.94
CA THR A 281 16.77 -14.90 6.81
C THR A 281 15.58 -14.71 5.87
N GLU A 282 14.46 -14.26 6.41
CA GLU A 282 13.29 -13.93 5.60
C GLU A 282 12.81 -12.51 5.92
N PRO A 283 13.57 -11.51 5.46
CA PRO A 283 13.20 -10.11 5.58
C PRO A 283 12.42 -9.68 4.34
N ASN A 284 11.96 -8.44 4.32
CA ASN A 284 11.46 -7.86 3.08
C ASN A 284 12.60 -7.93 2.06
N LEU A 285 12.28 -8.40 0.86
CA LEU A 285 13.29 -8.71 -0.13
C LEU A 285 12.70 -8.46 -1.51
N THR A 286 13.32 -7.54 -2.26
CA THR A 286 12.77 -7.11 -3.55
C THR A 286 13.79 -7.09 -4.67
N ALA A 287 13.37 -7.60 -5.83
CA ALA A 287 14.14 -7.49 -7.07
C ALA A 287 13.27 -6.77 -8.08
N GLY A 288 13.88 -5.87 -8.85
CA GLY A 288 13.14 -5.08 -9.82
C GLY A 288 13.97 -4.76 -11.04
N LEU A 289 13.31 -4.61 -12.19
CA LEU A 289 13.98 -4.29 -13.45
C LEU A 289 13.13 -3.37 -14.27
N ALA A 290 13.68 -2.27 -14.74
CA ALA A 290 12.90 -1.33 -15.52
C ALA A 290 13.66 -0.76 -16.69
N VAL A 291 12.95 -0.40 -17.74
CA VAL A 291 13.56 0.20 -18.91
C VAL A 291 12.73 1.34 -19.38
N LEU A 292 13.27 2.53 -19.34
CA LEU A 292 12.50 3.71 -19.62
C LEU A 292 12.19 3.89 -21.07
N GLU A 293 11.16 4.67 -21.36
CA GLU A 293 10.93 5.18 -22.70
C GLU A 293 11.16 6.67 -22.71
N ARG A 294 11.92 7.17 -23.69
CA ARG A 294 11.86 8.54 -24.23
C ARG A 294 13.19 9.17 -24.58
N PRO A 301 15.41 6.89 -31.88
CA PRO A 301 15.21 6.04 -30.70
C PRO A 301 16.52 5.36 -30.31
N PRO A 302 16.93 5.48 -29.03
CA PRO A 302 18.18 4.82 -28.61
C PRO A 302 18.14 3.31 -28.81
N PRO A 303 19.29 2.63 -28.72
CA PRO A 303 19.34 1.19 -29.03
C PRO A 303 18.47 0.36 -28.09
N PRO A 304 17.90 -0.75 -28.58
CA PRO A 304 16.99 -1.54 -27.73
C PRO A 304 17.70 -2.15 -26.53
N ALA A 305 17.03 -2.17 -25.39
CA ALA A 305 17.55 -2.82 -24.20
C ALA A 305 17.50 -4.34 -24.39
N PHE A 306 16.50 -4.80 -25.13
CA PHE A 306 16.35 -6.21 -25.41
C PHE A 306 15.84 -6.42 -26.83
N LYS A 307 16.00 -7.64 -27.35
CA LYS A 307 15.55 -7.96 -28.69
C LYS A 307 14.03 -8.11 -28.70
N SER A 308 13.51 -8.75 -27.66
CA SER A 308 12.07 -9.01 -27.55
C SER A 308 11.68 -9.17 -26.08
N ASP A 309 10.40 -9.39 -25.83
CA ASP A 309 9.94 -9.67 -24.48
C ASP A 309 10.55 -10.97 -23.97
N LYS A 310 10.78 -11.92 -24.87
CA LYS A 310 11.32 -13.22 -24.50
C LYS A 310 12.68 -13.09 -23.83
N GLU A 311 13.59 -12.35 -24.47
CA GLU A 311 14.95 -12.20 -23.96
C GLU A 311 14.95 -11.52 -22.59
N ALA A 312 14.03 -10.58 -22.42
CA ALA A 312 13.95 -9.82 -21.18
C ALA A 312 13.53 -10.71 -20.00
N LEU A 313 12.52 -11.55 -20.22
CA LEU A 313 12.04 -12.44 -19.16
C LEU A 313 13.04 -13.56 -18.88
N GLU A 314 13.90 -13.88 -19.83
CA GLU A 314 14.93 -14.87 -19.61
C GLU A 314 15.94 -14.34 -18.59
N LEU A 315 16.37 -13.10 -18.80
CA LEU A 315 17.29 -12.45 -17.87
C LEU A 315 16.64 -12.30 -16.50
N TRP A 316 15.42 -11.77 -16.50
CA TRP A 316 14.66 -11.57 -15.28
C TRP A 316 14.49 -12.86 -14.48
N ASP A 317 14.09 -13.94 -15.15
CA ASP A 317 13.88 -15.22 -14.48
C ASP A 317 15.20 -15.83 -14.01
N THR A 318 16.23 -15.74 -14.85
CA THR A 318 17.52 -16.34 -14.53
C THR A 318 18.12 -15.72 -13.28
N ILE A 319 17.97 -14.40 -13.13
CA ILE A 319 18.52 -13.68 -11.99
C ILE A 319 17.69 -13.94 -10.74
N VAL A 320 16.38 -13.74 -10.84
CA VAL A 320 15.49 -13.91 -9.70
C VAL A 320 15.53 -15.34 -9.15
N ASP A 321 15.65 -16.32 -10.04
CA ASP A 321 15.68 -17.72 -9.62
C ASP A 321 17.00 -18.09 -8.94
N SER A 322 18.01 -17.23 -9.10
CA SER A 322 19.31 -17.46 -8.48
C SER A 322 19.34 -16.90 -7.06
N ILE A 323 18.36 -16.07 -6.72
CA ILE A 323 18.25 -15.52 -5.38
C ILE A 323 18.11 -16.65 -4.35
N ARG A 324 18.86 -16.56 -3.27
CA ARG A 324 18.85 -17.58 -2.24
C ARG A 324 19.64 -17.13 -1.02
N VAL A 325 19.20 -17.56 0.16
CA VAL A 325 19.94 -17.31 1.39
C VAL A 325 21.29 -18.01 1.31
N ARG A 326 22.33 -17.35 1.78
CA ARG A 326 23.68 -17.92 1.76
C ARG A 326 23.73 -19.10 2.74
N PRO A 327 24.12 -20.30 2.24
CA PRO A 327 24.29 -21.42 3.15
C PRO A 327 25.29 -21.08 4.26
N THR A 328 24.92 -21.36 5.51
CA THR A 328 25.71 -20.92 6.66
C THR A 328 25.80 -21.99 7.74
N SER A 329 27.04 -22.33 8.11
CA SER A 329 27.28 -23.34 9.13
C SER A 329 26.93 -22.81 10.51
N SER B 28 -15.54 27.76 -13.67
CA SER B 28 -15.58 28.67 -12.53
C SER B 28 -15.60 27.94 -11.18
N ASP B 30 -19.37 27.98 -10.22
CA ASP B 30 -18.76 27.39 -9.03
C ASP B 30 -19.83 27.09 -7.99
N LYS B 31 -20.18 25.80 -7.87
CA LYS B 31 -21.13 25.33 -6.87
C LYS B 31 -22.51 25.97 -6.99
N THR B 32 -22.80 26.55 -8.16
CA THR B 32 -24.10 27.16 -8.38
C THR B 32 -25.17 26.10 -8.61
N GLY B 33 -26.16 26.09 -7.73
CA GLY B 33 -27.24 25.13 -7.81
C GLY B 33 -26.80 23.70 -7.53
N TRP B 34 -25.65 23.56 -6.89
CA TRP B 34 -25.17 22.24 -6.49
C TRP B 34 -25.94 21.75 -5.29
N ILE B 35 -26.18 20.44 -5.24
CA ILE B 35 -26.90 19.85 -4.12
C ILE B 35 -25.95 19.11 -3.20
N THR B 36 -26.26 19.14 -1.92
CA THR B 36 -25.53 18.39 -0.92
C THR B 36 -26.21 17.06 -0.69
N HIS B 37 -25.53 15.96 -1.02
CA HIS B 37 -26.05 14.64 -0.80
C HIS B 37 -25.51 14.07 0.52
N CYS B 38 -26.23 13.16 1.14
CA CYS B 38 -25.71 12.53 2.32
C CYS B 38 -25.61 11.04 2.17
N PHE B 39 -24.48 10.53 2.60
CA PHE B 39 -24.17 9.14 2.53
C PHE B 39 -23.81 8.80 3.93
N GLY B 40 -23.21 7.66 4.20
CA GLY B 40 -23.46 7.04 5.45
C GLY B 40 -23.14 7.86 6.66
N ARG B 41 -22.01 8.53 6.73
CA ARG B 41 -21.82 9.54 7.75
C ARG B 41 -21.30 10.81 7.17
N PHE B 42 -21.33 10.92 5.87
CA PHE B 42 -20.59 11.94 5.20
C PHE B 42 -21.44 12.67 4.23
N LEU B 43 -21.01 13.88 3.91
CA LEU B 43 -21.69 14.73 2.93
C LEU B 43 -20.77 14.95 1.74
N ILE B 44 -21.36 15.44 0.66
CA ILE B 44 -20.61 15.71 -0.55
C ILE B 44 -21.47 16.53 -1.49
N ASP B 45 -20.85 17.49 -2.17
CA ASP B 45 -21.56 18.39 -3.06
C ASP B 45 -21.27 18.01 -4.51
N LEU B 46 -22.32 17.93 -5.30
CA LEU B 46 -22.19 17.57 -6.71
C LEU B 46 -23.04 18.48 -7.57
N PRO B 47 -22.76 18.53 -8.88
CA PRO B 47 -23.60 19.30 -9.80
C PRO B 47 -25.05 18.83 -9.78
N PRO B 48 -25.97 19.66 -10.30
CA PRO B 48 -27.38 19.26 -10.33
C PRO B 48 -27.64 18.19 -11.39
N ASP B 49 -26.88 18.23 -12.48
CA ASP B 49 -27.02 17.26 -13.55
C ASP B 49 -26.37 15.92 -13.19
N ALA B 50 -25.79 15.83 -12.00
CA ALA B 50 -25.07 14.63 -11.59
C ALA B 50 -26.01 13.44 -11.38
N VAL B 51 -25.80 12.40 -12.17
CA VAL B 51 -26.55 11.15 -12.03
C VAL B 51 -25.83 10.25 -11.03
N ILE B 52 -26.58 9.59 -10.16
CA ILE B 52 -26.01 8.87 -9.03
C ILE B 52 -26.62 7.48 -8.80
N ASN B 53 -25.76 6.49 -8.65
CA ASN B 53 -26.14 5.16 -8.19
C ASN B 53 -25.36 4.80 -6.94
N ALA B 54 -26.06 4.60 -5.82
CA ALA B 54 -25.43 4.36 -4.53
C ALA B 54 -25.83 3.01 -3.94
N GLY B 55 -24.88 2.38 -3.26
CA GLY B 55 -25.11 1.13 -2.57
C GLY B 55 -24.63 1.22 -1.12
N TYR B 56 -25.37 0.58 -0.22
CA TYR B 56 -25.08 0.67 1.21
C TYR B 56 -25.01 -0.74 1.80
N TYR B 57 -24.02 -0.95 2.66
CA TYR B 57 -23.70 -2.29 3.17
C TYR B 57 -23.52 -2.28 4.68
N LEU B 58 -24.28 -3.14 5.36
CA LEU B 58 -24.26 -3.21 6.81
C LEU B 58 -23.79 -4.60 7.26
N TRP B 59 -22.75 -4.61 8.09
CA TRP B 59 -22.14 -5.85 8.58
C TRP B 59 -21.74 -6.77 7.41
N GLY B 60 -21.28 -6.16 6.33
CA GLY B 60 -20.74 -6.90 5.21
C GLY B 60 -21.78 -7.28 4.17
N ASP B 61 -23.05 -7.15 4.54
CA ASP B 61 -24.15 -7.53 3.65
C ASP B 61 -24.94 -6.32 3.16
N ARG B 62 -25.35 -6.38 1.90
CA ARG B 62 -26.08 -5.29 1.25
C ARG B 62 -27.41 -5.02 1.97
N ILE B 63 -27.76 -3.74 2.08
CA ILE B 63 -29.10 -3.35 2.51
C ILE B 63 -29.80 -2.74 1.30
N GLU B 64 -31.00 -3.25 1.00
CA GLU B 64 -31.67 -2.98 -0.27
C GLU B 64 -33.03 -2.34 -0.04
N TYR B 65 -33.25 -1.19 -0.67
CA TYR B 65 -34.55 -0.52 -0.60
C TYR B 65 -35.55 -1.22 -1.52
N LEU B 66 -36.75 -1.42 -1.01
CA LEU B 66 -37.82 -2.05 -1.78
C LEU B 66 -39.06 -1.15 -1.75
N ASP B 67 -39.68 -0.99 -2.92
CA ASP B 67 -40.82 -0.08 -3.06
C ASP B 67 -42.15 -0.78 -2.72
N ASP B 68 -42.07 -1.87 -1.96
CA ASP B 68 -43.27 -2.59 -1.54
C ASP B 68 -44.08 -1.77 -0.55
N LYS B 69 -45.39 -1.98 -0.56
CA LYS B 69 -46.27 -1.46 0.48
C LYS B 69 -46.37 -2.53 1.55
N PRO B 70 -47.06 -2.24 2.67
CA PRO B 70 -47.22 -3.27 3.70
C PRO B 70 -47.91 -4.52 3.16
N THR B 71 -48.68 -4.35 2.10
CA THR B 71 -49.44 -5.45 1.50
C THR B 71 -48.55 -6.33 0.65
N GLU B 72 -47.82 -5.72 -0.28
CA GLU B 72 -46.96 -6.45 -1.20
C GLU B 72 -45.84 -7.18 -0.47
N LEU B 73 -45.51 -6.72 0.73
CA LEU B 73 -44.46 -7.33 1.53
C LEU B 73 -44.91 -8.71 2.03
N ALA B 74 -46.06 -8.74 2.69
CA ALA B 74 -46.61 -9.98 3.23
C ALA B 74 -46.71 -11.06 2.16
N ALA B 75 -46.94 -10.65 0.93
CA ALA B 75 -46.99 -11.58 -0.20
C ALA B 75 -45.59 -12.15 -0.46
N ARG B 76 -44.58 -11.28 -0.43
CA ARG B 76 -43.20 -11.70 -0.69
C ARG B 76 -42.71 -12.66 0.39
N VAL B 77 -42.93 -12.30 1.64
CA VAL B 77 -42.45 -13.10 2.77
C VAL B 77 -43.05 -14.50 2.73
N ASP B 78 -44.30 -14.60 2.31
CA ASP B 78 -44.98 -15.88 2.23
C ASP B 78 -44.55 -16.65 0.98
N ARG B 79 -44.13 -15.93 -0.05
CA ARG B 79 -43.66 -16.54 -1.28
C ARG B 79 -42.31 -17.24 -1.04
N LEU B 80 -41.49 -16.65 -0.19
CA LEU B 80 -40.18 -17.20 0.12
C LEU B 80 -40.30 -18.36 1.10
N GLU B 81 -41.15 -18.18 2.12
CA GLU B 81 -41.35 -19.19 3.15
C GLU B 81 -41.73 -20.52 2.53
N GLN B 82 -42.67 -20.49 1.59
CA GLN B 82 -43.12 -21.70 0.93
C GLN B 82 -42.06 -22.24 -0.03
N GLU B 83 -41.26 -21.34 -0.59
CA GLU B 83 -40.19 -21.76 -1.49
C GLU B 83 -39.17 -22.57 -0.70
N TRP B 84 -38.75 -22.05 0.45
CA TRP B 84 -37.79 -22.74 1.30
C TRP B 84 -38.36 -24.07 1.79
N ARG B 85 -39.65 -24.08 2.09
CA ARG B 85 -40.32 -25.30 2.53
C ARG B 85 -40.36 -26.33 1.41
N THR B 86 -40.37 -25.85 0.18
CA THR B 86 -40.44 -26.72 -1.00
C THR B 86 -39.08 -27.34 -1.32
N GLN B 87 -38.02 -26.55 -1.23
CA GLN B 87 -36.70 -27.01 -1.63
C GLN B 87 -36.18 -28.12 -0.70
N ARG B 88 -35.66 -29.17 -1.31
CA ARG B 88 -35.16 -30.33 -0.57
C ARG B 88 -33.69 -30.15 -0.20
N HIS B 89 -33.39 -30.29 1.08
CA HIS B 89 -32.02 -30.34 1.56
C HIS B 89 -31.62 -31.82 1.62
N LYS B 90 -30.43 -32.12 1.10
CA LYS B 90 -29.95 -33.51 0.97
C LYS B 90 -30.02 -34.27 2.28
N SER B 91 -29.91 -33.54 3.38
CA SER B 91 -30.14 -34.07 4.72
C SER B 91 -31.09 -33.11 5.41
N LYS B 92 -31.62 -33.51 6.55
CA LYS B 92 -32.44 -32.64 7.40
C LYS B 92 -33.78 -32.21 6.79
N GLY B 93 -34.09 -32.70 5.59
CA GLY B 93 -35.35 -32.44 4.94
C GLY B 93 -35.42 -31.18 4.09
N ASN B 94 -36.28 -30.24 4.47
CA ASN B 94 -36.45 -29.02 3.70
C ASN B 94 -35.46 -27.97 4.18
N PHE B 96 -36.27 -24.64 5.02
CA PHE B 96 -36.80 -23.65 5.96
C PHE B 96 -36.63 -24.07 7.42
N LEU B 97 -36.48 -23.08 8.30
CA LEU B 97 -36.26 -23.31 9.72
C LEU B 97 -37.18 -22.49 10.62
N ARG B 98 -37.34 -21.20 10.32
CA ARG B 98 -38.00 -20.29 11.24
C ARG B 98 -38.49 -19.00 10.60
N LYS B 99 -39.50 -18.40 11.20
CA LYS B 99 -39.99 -17.08 10.83
C LYS B 99 -40.00 -16.24 12.09
N ILE B 100 -39.22 -15.15 12.08
CA ILE B 100 -38.93 -14.41 13.30
C ILE B 100 -39.53 -13.01 13.28
N ASP B 101 -40.30 -12.70 14.31
CA ASP B 101 -40.83 -11.36 14.50
C ASP B 101 -39.82 -10.53 15.27
N PHE B 102 -39.21 -9.57 14.58
CA PHE B 102 -38.22 -8.68 15.19
C PHE B 102 -38.91 -7.54 15.93
N GLY B 103 -40.24 -7.54 15.92
CA GLY B 103 -41.00 -6.43 16.49
C GLY B 103 -40.89 -5.21 15.60
N ASN B 104 -41.67 -4.18 15.91
CA ASN B 104 -41.66 -2.94 15.16
C ASN B 104 -41.97 -3.18 13.68
N GLU B 105 -42.85 -4.15 13.42
CA GLU B 105 -43.32 -4.45 12.07
C GLU B 105 -42.18 -4.92 11.17
N SER B 106 -41.34 -5.82 11.68
CA SER B 106 -40.23 -6.38 10.92
C SER B 106 -40.21 -7.90 11.02
N VAL B 107 -39.61 -8.53 10.01
CA VAL B 107 -39.62 -9.99 9.88
C VAL B 107 -38.28 -10.49 9.35
N GLY B 108 -37.93 -11.72 9.69
CA GLY B 108 -36.73 -12.36 9.19
C GLY B 108 -36.94 -13.84 8.94
N LEU B 109 -36.50 -14.31 7.77
CA LEU B 109 -36.65 -15.71 7.39
C LEU B 109 -35.34 -16.46 7.54
N LEU B 110 -35.29 -17.37 8.50
CA LEU B 110 -34.11 -18.18 8.75
C LEU B 110 -34.18 -19.49 7.95
N SER B 111 -33.19 -19.71 7.10
CA SER B 111 -33.11 -20.93 6.30
C SER B 111 -31.69 -21.47 6.29
N TRP B 112 -31.50 -22.63 5.65
CA TRP B 112 -30.16 -23.17 5.47
C TRP B 112 -29.45 -22.43 4.34
N SER B 113 -28.15 -22.20 4.51
CA SER B 113 -27.36 -21.45 3.55
C SER B 113 -27.17 -22.21 2.24
N SER B 114 -27.06 -23.52 2.34
CA SER B 114 -26.86 -24.37 1.17
C SER B 114 -27.54 -25.71 1.39
N GLU B 115 -27.27 -26.66 0.49
CA GLU B 115 -27.80 -28.01 0.63
C GLU B 115 -26.84 -28.86 1.46
N VAL B 116 -26.23 -28.24 2.46
CA VAL B 116 -25.31 -28.91 3.37
C VAL B 116 -25.41 -28.28 4.75
N ALA B 117 -25.50 -29.11 5.78
CA ALA B 117 -25.59 -28.63 7.15
C ALA B 117 -24.24 -28.07 7.58
N SER B 118 -23.80 -27.02 6.89
CA SER B 118 -22.46 -26.46 7.08
C SER B 118 -22.40 -25.48 8.23
N LYS B 119 -23.26 -25.67 9.23
CA LYS B 119 -23.26 -24.82 10.43
C LYS B 119 -23.52 -23.36 10.08
N THR B 120 -24.06 -23.11 8.89
CA THR B 120 -24.29 -21.75 8.42
C THR B 120 -25.75 -21.53 8.01
N TYR B 121 -26.46 -20.75 8.81
CA TYR B 121 -27.82 -20.34 8.49
C TYR B 121 -27.80 -19.28 7.41
N LEU B 122 -29.00 -18.81 7.03
CA LEU B 122 -29.13 -17.70 6.11
C LEU B 122 -30.30 -16.83 6.55
N LEU B 123 -30.01 -15.76 7.29
CA LEU B 123 -31.05 -14.88 7.80
C LEU B 123 -31.43 -13.85 6.75
N ASP B 124 -32.70 -13.85 6.37
CA ASP B 124 -33.22 -12.93 5.37
C ASP B 124 -34.14 -11.92 6.05
N THR B 125 -33.53 -10.89 6.63
CA THR B 125 -34.28 -9.91 7.40
C THR B 125 -34.94 -8.85 6.52
N TYR B 126 -36.22 -8.62 6.77
CA TYR B 126 -36.95 -7.51 6.17
C TYR B 126 -37.33 -6.54 7.28
N VAL B 127 -36.85 -5.31 7.17
CA VAL B 127 -37.01 -4.33 8.25
C VAL B 127 -37.66 -3.05 7.73
N THR B 128 -38.41 -2.38 8.59
CA THR B 128 -39.22 -1.21 8.20
C THR B 128 -38.83 0.07 8.94
N SER B 129 -39.15 1.21 8.33
CA SER B 129 -38.80 2.52 8.87
C SER B 129 -39.97 3.17 9.60
N LYS B 130 -39.68 3.72 10.79
CA LYS B 130 -40.60 4.60 11.49
C LYS B 130 -41.02 5.68 10.49
N PRO B 131 -42.21 6.29 10.66
CA PRO B 131 -42.89 6.97 9.54
C PRO B 131 -42.01 8.00 8.83
N THR B 132 -41.96 8.05 7.50
CA THR B 132 -42.83 7.29 6.59
C THR B 132 -42.47 5.80 6.51
N TRP B 133 -43.40 5.00 5.99
CA TRP B 133 -43.18 3.59 5.78
C TRP B 133 -42.27 3.32 4.60
N HIS B 134 -41.22 2.53 4.86
CA HIS B 134 -40.34 2.02 3.82
C HIS B 134 -39.86 0.66 4.29
N VAL B 135 -39.43 -0.18 3.36
CA VAL B 135 -39.06 -1.56 3.68
C VAL B 135 -37.70 -1.92 3.07
N TYR B 136 -36.86 -2.56 3.88
CA TYR B 136 -35.49 -2.86 3.47
C TYR B 136 -35.14 -4.34 3.62
N ARG B 137 -34.43 -4.86 2.63
CA ARG B 137 -34.00 -6.26 2.61
C ARG B 137 -32.52 -6.33 2.96
N TRP B 138 -32.20 -7.07 4.02
CA TRP B 138 -30.83 -7.21 4.49
C TRP B 138 -30.53 -8.70 4.71
N LYS B 139 -29.96 -9.33 3.68
CA LYS B 139 -29.73 -10.78 3.67
C LYS B 139 -28.25 -11.11 3.82
N GLY B 140 -27.94 -12.05 4.72
CA GLY B 140 -26.57 -12.49 4.91
C GLY B 140 -26.48 -13.85 5.60
N LYS B 141 -25.29 -14.44 5.58
CA LYS B 141 -25.06 -15.71 6.25
C LYS B 141 -24.89 -15.51 7.75
N VAL B 142 -25.21 -16.56 8.52
CA VAL B 142 -25.05 -16.52 9.97
C VAL B 142 -24.65 -17.91 10.47
N SER B 143 -23.73 -17.94 11.43
CA SER B 143 -23.32 -19.20 12.04
C SER B 143 -24.39 -19.64 13.02
N VAL B 144 -24.57 -20.97 13.15
CA VAL B 144 -25.57 -21.53 14.06
C VAL B 144 -25.36 -21.01 15.48
N ASP B 145 -24.10 -20.85 15.87
CA ASP B 145 -23.77 -20.35 17.20
C ASP B 145 -24.20 -18.90 17.36
N ARG B 146 -24.25 -18.15 16.25
CA ARG B 146 -24.48 -16.71 16.28
C ARG B 146 -25.87 -16.34 15.79
N GLU B 147 -26.80 -17.30 15.82
CA GLU B 147 -28.16 -17.03 15.39
C GLU B 147 -28.87 -16.14 16.41
N GLN B 148 -28.68 -16.44 17.69
CA GLN B 148 -29.28 -15.65 18.76
C GLN B 148 -28.66 -14.25 18.81
N HIS B 149 -27.48 -14.11 18.23
CA HIS B 149 -26.81 -12.81 18.17
C HIS B 149 -27.30 -12.02 16.96
N ALA B 150 -27.49 -12.70 15.84
CA ALA B 150 -27.91 -12.05 14.61
C ALA B 150 -29.29 -11.43 14.74
N VAL B 151 -30.13 -12.02 15.59
CA VAL B 151 -31.49 -11.50 15.79
C VAL B 151 -31.47 -10.24 16.65
N GLU B 152 -30.56 -10.18 17.61
CA GLU B 152 -30.42 -9.01 18.46
C GLU B 152 -30.09 -7.77 17.62
N ILE B 153 -29.20 -7.95 16.65
CA ILE B 153 -28.82 -6.88 15.75
C ILE B 153 -30.01 -6.45 14.90
N SER B 154 -30.75 -7.43 14.40
CA SER B 154 -31.91 -7.16 13.56
C SER B 154 -33.06 -6.60 14.39
N ARG B 155 -33.20 -7.11 15.60
CA ARG B 155 -34.23 -6.63 16.52
C ARG B 155 -33.93 -5.18 16.91
N ALA B 156 -32.65 -4.85 16.97
CA ALA B 156 -32.21 -3.49 17.29
C ALA B 156 -32.27 -2.60 16.06
N LEU B 157 -31.91 -3.16 14.90
CA LEU B 157 -31.98 -2.43 13.65
C LEU B 157 -33.42 -2.02 13.35
N ALA B 158 -34.37 -2.82 13.81
CA ALA B 158 -35.78 -2.53 13.61
C ALA B 158 -36.19 -1.30 14.40
N ARG B 159 -35.62 -1.18 15.58
CA ARG B 159 -35.88 -0.05 16.46
C ARG B 159 -35.33 1.21 15.90
N ASN B 160 -34.13 1.10 15.36
CA ASN B 160 -33.27 2.24 15.17
C ASN B 160 -33.27 2.78 13.79
N LEU B 161 -34.15 2.26 12.96
CA LEU B 161 -34.19 2.67 11.59
C LEU B 161 -35.19 3.74 11.42
N ARG B 162 -34.81 4.80 10.74
CA ARG B 162 -35.65 5.95 10.65
C ARG B 162 -35.76 6.56 9.27
N SER B 163 -36.89 7.18 9.04
CA SER B 163 -37.26 7.72 7.75
C SER B 163 -36.47 8.97 7.39
N ARG B 164 -36.30 9.23 6.12
CA ARG B 164 -35.58 10.41 5.69
C ARG B 164 -36.39 11.21 4.71
N ALA B 165 -36.72 12.42 5.07
CA ALA B 165 -37.50 13.25 4.19
C ALA B 165 -36.64 13.41 2.99
N PRO B 166 -37.30 13.78 1.81
CA PRO B 166 -36.44 13.70 0.61
C PRO B 166 -35.24 14.63 0.61
N LYS B 167 -35.29 15.66 1.44
CA LYS B 167 -34.22 16.63 1.53
C LYS B 167 -33.65 16.76 2.93
N GLU B 168 -34.27 16.10 3.89
CA GLU B 168 -33.81 16.20 5.26
C GLU B 168 -32.36 15.83 5.35
N ILE B 169 -31.74 16.23 6.45
CA ILE B 169 -30.34 15.92 6.75
C ILE B 169 -30.18 15.99 8.25
N PRO B 170 -30.28 14.86 8.91
CA PRO B 170 -30.58 14.86 10.36
C PRO B 170 -29.60 15.44 11.34
N SER B 171 -30.08 15.95 12.46
CA SER B 171 -29.15 16.46 13.47
C SER B 171 -28.68 15.35 14.41
N GLU B 172 -29.46 14.27 14.51
CA GLU B 172 -29.10 13.15 15.36
C GLU B 172 -28.10 12.26 14.62
N PRO B 173 -27.18 11.61 15.36
CA PRO B 173 -26.21 10.75 14.66
C PRO B 173 -26.87 9.52 14.05
N GLY B 174 -26.41 9.12 12.88
CA GLY B 174 -26.97 7.97 12.19
C GLY B 174 -26.27 7.68 10.88
N PHE B 175 -26.49 6.48 10.35
CA PHE B 175 -25.89 6.06 9.09
C PHE B 175 -26.89 6.19 7.95
N CYS B 176 -26.74 7.22 7.13
CA CYS B 176 -27.67 7.48 6.04
C CYS B 176 -27.61 6.43 4.94
N ILE B 177 -28.77 5.96 4.52
CA ILE B 177 -28.90 5.02 3.40
C ILE B 177 -29.95 5.55 2.43
N ASP B 178 -30.34 4.73 1.47
CA ASP B 178 -31.32 5.14 0.47
C ASP B 178 -32.67 5.42 1.13
N HIS B 179 -33.08 6.69 1.10
CA HIS B 179 -34.36 7.11 1.66
C HIS B 179 -34.50 6.79 3.14
N ALA B 180 -33.37 6.73 3.85
CA ALA B 180 -33.41 6.41 5.28
C ALA B 180 -32.07 6.63 5.95
N TYR B 181 -32.03 6.37 7.26
CA TYR B 181 -30.77 6.33 8.00
C TYR B 181 -30.90 5.48 9.27
N ILE B 182 -29.78 4.92 9.71
CA ILE B 182 -29.76 4.06 10.89
C ILE B 182 -29.31 4.85 12.11
N ALA B 183 -30.26 5.20 12.97
CA ALA B 183 -29.98 6.00 14.16
C ALA B 183 -28.95 5.32 15.06
N GLY B 184 -28.12 6.14 15.70
CA GLY B 184 -27.13 5.65 16.66
C GLY B 184 -25.72 6.02 16.27
N ASP B 185 -24.87 6.15 17.29
CA ASP B 185 -23.44 6.40 17.08
C ASP B 185 -22.60 5.26 17.65
N SER B 186 -23.27 4.21 18.14
CA SER B 186 -22.60 3.01 18.58
C SER B 186 -21.89 2.38 17.38
N PHE B 187 -20.74 1.77 17.62
CA PHE B 187 -19.95 1.24 16.52
C PHE B 187 -20.58 0.00 15.89
N GLN B 188 -20.47 -0.08 14.57
CA GLN B 188 -20.95 -1.21 13.80
C GLN B 188 -20.24 -1.20 12.45
N VAL B 189 -20.11 -2.36 11.84
CA VAL B 189 -19.48 -2.46 10.53
C VAL B 189 -20.40 -1.90 9.46
N GLU B 190 -20.03 -0.75 8.91
CA GLU B 190 -20.80 -0.11 7.87
C GLU B 190 -19.95 0.12 6.64
N ARG B 191 -20.57 0.52 5.55
CA ARG B 191 -19.88 0.72 4.28
C ARG B 191 -20.87 1.19 3.23
N PHE B 192 -20.40 2.06 2.34
CA PHE B 192 -21.18 2.44 1.18
C PHE B 192 -20.27 2.67 -0.03
N GLY B 193 -20.89 2.78 -1.19
CA GLY B 193 -20.18 3.07 -2.42
C GLY B 193 -21.09 3.91 -3.31
N VAL B 194 -20.50 4.83 -4.05
CA VAL B 194 -21.27 5.70 -4.93
C VAL B 194 -20.57 5.85 -6.26
N GLY B 195 -21.33 5.70 -7.34
CA GLY B 195 -20.84 5.93 -8.68
C GLY B 195 -21.54 7.14 -9.25
N VAL B 196 -20.77 7.98 -9.96
CA VAL B 196 -21.32 9.21 -10.51
C VAL B 196 -20.73 9.47 -11.89
N THR B 197 -21.62 9.84 -12.82
CA THR B 197 -21.20 10.36 -14.12
C THR B 197 -21.82 11.74 -14.29
N PHE B 198 -21.29 12.52 -15.22
CA PHE B 198 -21.72 13.90 -15.43
C PHE B 198 -22.07 14.10 -16.90
N PRO B 199 -23.32 14.54 -17.18
CA PRO B 199 -23.69 14.79 -18.58
C PRO B 199 -22.81 15.84 -19.22
N GLU B 200 -22.35 16.79 -18.41
CA GLU B 200 -21.49 17.87 -18.89
C GLU B 200 -20.08 17.40 -19.19
N HIS B 201 -19.72 16.22 -18.68
CA HIS B 201 -18.39 15.65 -18.90
C HIS B 201 -18.49 14.18 -19.34
N PRO B 202 -18.67 13.96 -20.65
CA PRO B 202 -18.83 12.61 -21.21
C PRO B 202 -17.59 11.72 -21.08
N GLY B 203 -17.71 10.68 -20.25
CA GLY B 203 -16.65 9.69 -20.10
C GLY B 203 -15.92 9.79 -18.77
N ALA B 204 -16.45 10.60 -17.87
CA ALA B 204 -15.82 10.83 -16.57
C ALA B 204 -16.52 10.04 -15.46
N ARG B 205 -15.87 8.97 -15.00
CA ARG B 205 -16.41 8.14 -13.93
C ARG B 205 -15.86 8.59 -12.57
N PHE B 206 -16.75 9.12 -11.72
CA PHE B 206 -16.38 9.53 -10.38
C PHE B 206 -16.92 8.53 -9.36
N GLU B 207 -16.10 8.20 -8.36
CA GLU B 207 -16.52 7.31 -7.29
C GLU B 207 -16.34 7.94 -5.91
N PHE B 208 -17.04 7.37 -4.93
CA PHE B 208 -16.99 7.84 -3.56
C PHE B 208 -17.35 6.68 -2.64
N ARG B 209 -16.50 6.39 -1.67
CA ARG B 209 -16.61 5.16 -0.89
C ARG B 209 -16.26 5.35 0.59
N SER B 210 -16.86 4.51 1.44
CA SER B 210 -16.54 4.46 2.86
C SER B 210 -16.55 3.01 3.35
N SER B 211 -15.68 2.72 4.31
CA SER B 211 -15.59 1.37 4.88
C SER B 211 -14.86 1.41 6.22
N THR B 212 -15.47 0.83 7.24
CA THR B 212 -14.95 0.90 8.60
C THR B 212 -13.52 0.40 8.75
N GLY B 213 -13.17 -0.66 8.02
CA GLY B 213 -11.85 -1.24 8.11
C GLY B 213 -10.75 -0.26 7.77
N ALA B 214 -9.88 0.01 8.74
CA ALA B 214 -8.75 0.92 8.53
C ALA B 214 -7.71 0.26 7.63
N GLU B 215 -7.36 0.94 6.54
CA GLU B 215 -6.37 0.43 5.60
C GLU B 215 -5.04 0.22 6.29
N LEU B 216 -4.28 -0.76 5.81
CA LEU B 216 -2.98 -1.08 6.39
C LEU B 216 -1.93 -0.05 5.99
N ASN B 217 -1.73 0.11 4.68
CA ASN B 217 -0.84 1.15 4.16
C ASN B 217 -1.64 2.37 3.74
N SER B 218 -1.03 3.54 3.84
CA SER B 218 -1.64 4.77 3.37
C SER B 218 -1.65 4.73 1.85
N LEU B 219 -2.26 5.74 1.22
CA LEU B 219 -2.26 5.81 -0.24
C LEU B 219 -0.86 5.91 -0.78
N LEU B 220 -0.11 6.93 -0.37
CA LEU B 220 1.22 7.19 -0.88
C LEU B 220 2.20 6.05 -0.58
N GLU B 221 2.05 5.40 0.57
CA GLU B 221 2.84 4.23 0.91
C GLU B 221 2.64 3.12 -0.12
N ARG B 222 1.42 3.05 -0.64
CA ARG B 222 1.03 2.05 -1.63
C ARG B 222 1.70 2.30 -2.97
N VAL B 223 2.02 3.56 -3.23
CA VAL B 223 2.52 4.00 -4.54
C VAL B 223 4.04 4.01 -4.58
N ASP B 224 4.69 3.68 -3.50
CA ASP B 224 6.09 4.00 -3.32
C ASP B 224 7.02 3.45 -4.36
N GLY B 225 6.88 2.19 -4.68
CA GLY B 225 7.86 1.50 -5.50
C GLY B 225 7.47 1.17 -6.94
N PHE B 226 6.70 0.12 -7.08
CA PHE B 226 6.26 -0.35 -8.37
C PHE B 226 5.34 0.60 -9.07
N VAL B 227 4.37 1.16 -8.37
CA VAL B 227 3.45 2.05 -9.02
C VAL B 227 4.23 3.20 -9.47
N GLN B 228 5.12 3.68 -8.63
CA GLN B 228 5.93 4.83 -9.08
C GLN B 228 6.82 4.50 -10.28
N ASN B 229 7.61 3.44 -10.15
CA ASN B 229 8.54 3.04 -11.21
C ASN B 229 7.84 2.91 -12.56
N LEU B 231 5.24 4.68 -13.59
CA LEU B 231 4.96 6.02 -14.06
C LEU B 231 6.17 6.63 -14.68
N SER B 232 7.30 6.35 -14.11
CA SER B 232 8.57 6.90 -14.59
C SER B 232 9.10 6.08 -15.77
N THR B 233 8.66 4.83 -15.87
CA THR B 233 9.08 3.96 -16.95
C THR B 233 8.45 4.38 -18.27
N PHE B 234 7.15 4.62 -18.22
CA PHE B 234 6.35 4.76 -19.44
C PHE B 234 5.97 6.20 -19.73
N ALA B 235 6.18 6.59 -20.99
CA ALA B 235 5.68 7.88 -21.48
C ALA B 235 4.19 7.74 -21.70
N GLY B 236 3.48 8.87 -21.73
CA GLY B 236 2.04 8.85 -21.85
C GLY B 236 1.38 8.66 -20.50
N GLU B 238 2.08 10.83 -16.79
CA GLU B 238 2.82 11.73 -15.90
C GLU B 238 2.07 11.93 -14.60
N THR B 239 2.81 12.01 -13.50
CA THR B 239 2.22 12.34 -12.20
C THR B 239 1.82 13.81 -12.22
N LEU B 240 0.52 14.07 -12.21
CA LEU B 240 0.03 15.43 -12.23
C LEU B 240 0.16 16.06 -10.85
N ARG B 241 -0.29 15.34 -9.83
CA ARG B 241 -0.13 15.78 -8.45
C ARG B 241 0.19 14.61 -7.52
N LYS B 242 0.92 14.92 -6.46
CA LYS B 242 1.20 13.99 -5.38
C LYS B 242 1.23 14.84 -4.13
N GLY B 243 0.96 14.22 -2.98
CA GLY B 243 1.10 14.89 -1.71
C GLY B 243 -0.08 14.64 -0.80
N LYS B 244 -0.49 15.69 -0.13
CA LYS B 244 -1.51 15.61 0.86
C LYS B 244 -2.64 16.48 0.40
N HIS B 245 -3.84 16.14 0.81
CA HIS B 245 -5.02 16.91 0.44
C HIS B 245 -6.04 16.80 1.56
N PRO B 246 -5.72 17.37 2.73
CA PRO B 246 -6.66 17.30 3.85
C PRO B 246 -7.89 18.17 3.58
N VAL B 247 -9.05 17.67 3.99
CA VAL B 247 -10.28 18.44 3.96
C VAL B 247 -10.76 18.55 5.40
N GLY B 248 -10.72 19.76 5.95
CA GLY B 248 -11.03 19.95 7.35
C GLY B 248 -10.15 19.08 8.21
N SER B 249 -10.76 18.21 9.00
CA SER B 249 -10.04 17.35 9.93
C SER B 249 -9.82 15.95 9.35
N LEU B 250 -9.92 15.82 8.03
CA LEU B 250 -9.78 14.52 7.36
C LEU B 250 -8.38 14.36 6.76
N PRO B 251 -7.55 13.46 7.33
CA PRO B 251 -6.17 13.30 6.82
C PRO B 251 -6.11 12.75 5.40
N GLY B 252 -6.42 13.60 4.43
CA GLY B 252 -6.43 13.18 3.04
C GLY B 252 -5.05 13.17 2.38
N GLU B 253 -4.81 12.14 1.58
CA GLU B 253 -3.67 12.07 0.68
C GLU B 253 -4.22 11.82 -0.71
N GLU B 254 -3.55 12.33 -1.74
CA GLU B 254 -4.03 12.18 -3.11
C GLU B 254 -2.93 11.79 -4.08
N TYR B 255 -3.32 11.11 -5.15
CA TYR B 255 -2.41 10.76 -6.23
C TYR B 255 -3.13 10.89 -7.58
N LEU B 256 -2.68 11.84 -8.38
CA LEU B 256 -3.33 12.16 -9.64
C LEU B 256 -2.40 11.91 -10.81
N VAL B 257 -2.86 11.08 -11.74
CA VAL B 257 -2.10 10.76 -12.95
C VAL B 257 -2.87 11.27 -14.16
N ALA B 258 -2.13 11.58 -15.22
CA ALA B 258 -2.72 11.96 -16.50
C ALA B 258 -1.88 11.38 -17.61
N GLY B 259 -2.37 11.47 -18.85
CA GLY B 259 -1.66 10.92 -19.98
C GLY B 259 -2.36 11.23 -21.29
N SER B 260 -1.64 11.06 -22.40
CA SER B 260 -2.17 11.38 -23.72
C SER B 260 -1.77 10.33 -24.74
N ASP B 261 -2.77 9.73 -25.37
CA ASP B 261 -2.56 8.81 -26.47
C ASP B 261 -3.65 9.03 -27.51
N LYS B 262 -3.23 9.24 -28.76
CA LYS B 262 -4.16 9.54 -29.85
C LYS B 262 -4.98 10.80 -29.55
N GLY B 263 -4.28 11.86 -29.16
CA GLY B 263 -4.93 13.14 -28.88
C GLY B 263 -6.06 13.04 -27.88
N GLN B 264 -6.03 11.99 -27.06
CA GLN B 264 -7.08 11.73 -26.08
C GLN B 264 -6.49 11.75 -24.68
N ARG B 265 -7.05 12.60 -23.82
CA ARG B 265 -6.49 12.83 -22.49
C ARG B 265 -7.07 11.83 -21.47
N GLY B 266 -6.16 11.13 -20.78
CA GLY B 266 -6.55 10.18 -19.76
C GLY B 266 -6.39 10.73 -18.36
N TYR B 267 -7.16 10.20 -17.41
CA TYR B 267 -7.09 10.63 -16.02
C TYR B 267 -7.35 9.47 -15.06
N THR B 268 -6.67 9.49 -13.92
CA THR B 268 -7.00 8.63 -12.79
C THR B 268 -6.63 9.34 -11.51
N PHE B 269 -7.62 9.98 -10.88
CA PHE B 269 -7.41 10.70 -9.64
C PHE B 269 -7.79 9.82 -8.46
N TRP B 271 -7.99 9.85 -3.97
CA TRP B 271 -7.95 10.61 -2.73
C TRP B 271 -8.39 9.69 -1.60
N GLU B 272 -7.61 9.63 -0.53
CA GLU B 272 -7.86 8.65 0.51
C GLU B 272 -7.50 9.10 1.92
N VAL B 273 -8.38 8.75 2.85
CA VAL B 273 -8.08 8.78 4.27
C VAL B 273 -7.83 7.33 4.67
N GLN B 274 -6.78 7.11 5.46
CA GLN B 274 -6.39 5.76 5.85
C GLN B 274 -7.42 5.17 6.82
N GLY B 275 -7.86 5.99 7.77
CA GLY B 275 -8.90 5.60 8.70
C GLY B 275 -8.38 4.93 9.97
N LYS B 276 -9.16 5.04 11.03
CA LYS B 276 -8.85 4.40 12.31
C LYS B 276 -9.69 3.15 12.51
N GLU B 277 -9.13 2.15 13.18
CA GLU B 277 -9.89 0.97 13.55
C GLU B 277 -10.98 1.36 14.53
N GLU B 278 -12.19 0.84 14.30
CA GLU B 278 -13.31 1.06 15.21
C GLU B 278 -13.70 2.53 15.27
N SER B 279 -13.85 3.15 14.09
CA SER B 279 -14.28 4.55 14.01
C SER B 279 -15.27 4.75 12.86
N LEU B 280 -16.48 5.18 13.22
CA LEU B 280 -17.52 5.48 12.24
C LEU B 280 -17.22 6.78 11.53
N THR B 281 -16.44 7.60 12.20
CA THR B 281 -16.21 8.97 11.82
C THR B 281 -14.94 9.19 11.02
N GLU B 282 -13.96 8.35 11.23
CA GLU B 282 -12.73 8.33 10.45
C GLU B 282 -12.43 6.91 9.98
N PRO B 283 -13.28 6.37 9.10
CA PRO B 283 -13.05 5.07 8.47
C PRO B 283 -12.19 5.22 7.22
N ASN B 284 -11.86 4.11 6.57
CA ASN B 284 -11.25 4.20 5.25
C ASN B 284 -12.19 4.93 4.31
N LEU B 285 -11.77 6.08 3.83
CA LEU B 285 -12.62 6.97 3.06
C LEU B 285 -11.90 7.39 1.78
N THR B 286 -12.45 6.97 0.64
CA THR B 286 -11.79 7.16 -0.65
C THR B 286 -12.68 7.83 -1.69
N ALA B 287 -12.04 8.55 -2.60
CA ALA B 287 -12.72 9.17 -3.73
C ALA B 287 -11.85 8.97 -4.96
N GLY B 288 -12.46 9.04 -6.14
CA GLY B 288 -11.73 8.83 -7.38
C GLY B 288 -12.43 9.40 -8.58
N LEU B 289 -11.63 9.74 -9.59
CA LEU B 289 -12.14 10.24 -10.87
C LEU B 289 -11.25 9.72 -11.97
N ALA B 290 -11.85 9.30 -13.08
CA ALA B 290 -11.08 8.76 -14.20
C ALA B 290 -11.76 8.97 -15.54
N VAL B 291 -10.94 8.89 -16.59
CA VAL B 291 -11.37 9.07 -17.97
C VAL B 291 -10.50 8.19 -18.84
N LEU B 292 -11.09 7.29 -19.60
CA LEU B 292 -10.33 6.33 -20.35
C LEU B 292 -9.95 6.83 -21.72
N GLU B 293 -9.38 5.97 -22.55
CA GLU B 293 -8.82 6.42 -23.83
C GLU B 293 -9.28 5.65 -25.08
N ARG B 294 -8.87 4.37 -25.17
CA ARG B 294 -8.74 3.66 -26.45
C ARG B 294 -9.89 3.73 -27.48
N SER B 295 -11.12 3.43 -27.06
CA SER B 295 -12.22 3.12 -27.98
C SER B 295 -12.41 4.08 -29.16
N ASN B 296 -12.87 3.52 -30.28
CA ASN B 296 -13.30 4.31 -31.44
C ASN B 296 -14.82 4.36 -31.47
N GLU B 297 -15.36 5.49 -31.93
CA GLU B 297 -16.81 5.67 -32.06
C GLU B 297 -17.16 6.03 -33.50
N ASN B 298 -17.55 5.02 -34.27
CA ASN B 298 -17.83 5.18 -35.69
C ASN B 298 -16.57 5.67 -36.43
N GLY B 299 -15.42 5.18 -35.99
CA GLY B 299 -14.14 5.57 -36.58
C GLY B 299 -13.69 6.94 -36.13
N LYS B 300 -14.15 7.37 -34.96
CA LYS B 300 -13.84 8.69 -34.43
C LYS B 300 -13.39 8.61 -32.96
N PRO B 301 -12.68 9.64 -32.49
CA PRO B 301 -12.34 9.74 -31.07
C PRO B 301 -13.49 10.37 -30.28
N PRO B 302 -13.76 9.90 -29.06
CA PRO B 302 -14.86 10.46 -28.26
C PRO B 302 -14.74 11.95 -28.04
N PRO B 303 -15.86 12.62 -27.71
CA PRO B 303 -15.82 14.05 -27.42
C PRO B 303 -15.10 14.32 -26.10
N PRO B 304 -14.17 15.29 -26.06
CA PRO B 304 -13.38 15.54 -24.84
C PRO B 304 -14.24 15.76 -23.60
N ALA B 305 -13.96 14.97 -22.56
CA ALA B 305 -14.67 15.09 -21.29
C ALA B 305 -14.31 16.39 -20.58
N PHE B 306 -13.08 16.85 -20.81
CA PHE B 306 -12.57 18.06 -20.16
C PHE B 306 -11.84 18.95 -21.15
N LYS B 307 -11.98 20.26 -20.97
CA LYS B 307 -11.31 21.23 -21.82
C LYS B 307 -9.80 21.21 -21.58
N SER B 308 -9.41 21.01 -20.33
CA SER B 308 -8.02 21.05 -19.95
C SER B 308 -7.79 20.25 -18.67
N ASP B 309 -6.52 20.01 -18.33
CA ASP B 309 -6.17 19.39 -17.07
C ASP B 309 -6.61 20.28 -15.93
N LYS B 310 -6.67 21.58 -16.19
CA LYS B 310 -7.09 22.55 -15.19
C LYS B 310 -8.55 22.36 -14.81
N GLU B 311 -9.42 22.25 -15.81
CA GLU B 311 -10.84 22.07 -15.57
C GLU B 311 -11.08 20.75 -14.84
N ALA B 312 -10.40 19.70 -15.31
CA ALA B 312 -10.50 18.39 -14.69
C ALA B 312 -10.07 18.45 -13.23
N LEU B 313 -9.02 19.23 -12.98
CA LEU B 313 -8.50 19.39 -11.62
C LEU B 313 -9.40 20.29 -10.78
N GLU B 314 -10.02 21.28 -11.42
CA GLU B 314 -10.89 22.20 -10.71
C GLU B 314 -12.14 21.47 -10.20
N LEU B 315 -12.69 20.62 -11.06
CA LEU B 315 -13.85 19.81 -10.67
C LEU B 315 -13.46 18.84 -9.57
N TRP B 316 -12.29 18.23 -9.72
CA TRP B 316 -11.74 17.31 -8.73
C TRP B 316 -11.60 17.98 -7.37
N ASP B 317 -10.99 19.17 -7.35
CA ASP B 317 -10.79 19.89 -6.10
C ASP B 317 -12.11 20.29 -5.45
N THR B 318 -13.05 20.77 -6.26
CA THR B 318 -14.31 21.28 -5.75
C THR B 318 -15.10 20.19 -5.01
N ILE B 319 -15.14 19.00 -5.60
CA ILE B 319 -15.91 17.89 -5.03
C ILE B 319 -15.23 17.35 -3.77
N VAL B 320 -13.93 17.08 -3.85
CA VAL B 320 -13.21 16.49 -2.73
C VAL B 320 -13.23 17.42 -1.52
N ASP B 321 -13.11 18.71 -1.77
CA ASP B 321 -13.05 19.69 -0.69
C ASP B 321 -14.41 19.91 -0.04
N SER B 322 -15.47 19.42 -0.68
CA SER B 322 -16.82 19.53 -0.14
C SER B 322 -17.17 18.33 0.75
N ILE B 323 -16.25 17.39 0.88
CA ILE B 323 -16.45 16.22 1.73
C ILE B 323 -16.35 16.60 3.20
N ARG B 324 -17.26 16.07 4.01
CA ARG B 324 -17.26 16.33 5.43
C ARG B 324 -18.04 15.29 6.18
N VAL B 325 -17.79 15.16 7.47
CA VAL B 325 -18.60 14.33 8.36
C VAL B 325 -19.91 15.07 8.59
N ARG B 326 -21.00 14.33 8.81
CA ARG B 326 -22.30 14.96 9.01
C ARG B 326 -22.37 15.66 10.36
N PRO B 327 -22.61 16.98 10.36
CA PRO B 327 -22.75 17.69 11.64
C PRO B 327 -23.85 17.07 12.48
N THR B 328 -23.62 16.94 13.78
CA THR B 328 -24.51 16.15 14.63
C THR B 328 -24.65 16.74 16.03
N SER B 329 -25.88 16.69 16.54
CA SER B 329 -26.18 17.16 17.88
C SER B 329 -25.48 16.29 18.92
#